data_2ASM
#
_entry.id   2ASM
#
_cell.length_a   171.181
_cell.length_b   54.694
_cell.length_c   40.674
_cell.angle_alpha   90.00
_cell.angle_beta   95.97
_cell.angle_gamma   90.00
#
_symmetry.space_group_name_H-M   'C 1 2 1'
#
loop_
_entity.id
_entity.type
_entity.pdbx_description
1 polymer 'Actin, alpha skeletal muscle'
2 non-polymer 'CALCIUM ION'
3 non-polymer "ADENOSINE-5'-TRIPHOSPHATE"
4 non-polymer 'REIDISPONGIOLIDE A'
5 non-polymer 1,2-ETHANEDIOL
6 water water
#
_entity_poly.entity_id   1
_entity_poly.type   'polypeptide(L)'
_entity_poly.pdbx_seq_one_letter_code
;DEDETTALVCDNGSGLVKAGFAGDDAPRAVFPSIVGRPRHQGVMVGMGQKDSYVGDEAQSKRGILTLKYPIEHGIITNWD
DMEKIWHHTFYNELRVAPEEHPTLLTEAPLNPKANREKMTQIMFETFNVPAMYVAIQAVLSLYASGRTTGIVLDSGDGVT
HNVPIYEGYALPHAIMRLDLAGRDLTDYLMKILTERGYSFVTTAEREIVRDIKEKLCYVALDFENEMATAASSSSLEKSY
ELPDGQVITIGNERFRCPETLFQPSFIGMESAGIHETTYNSIMKCDIDIRKDLYANNVMSGGTTMYPGIADRMQKEITAL
APSTMKIKIIAPPERKYSVWIGGSILASLSTFQQMWITKQEYDEAGPSIVHRKCF
;
_entity_poly.pdbx_strand_id   A
#
loop_
_chem_comp.id
_chem_comp.type
_chem_comp.name
_chem_comp.formula
ATP non-polymer ADENOSINE-5'-TRIPHOSPHATE 'C10 H16 N5 O13 P3'
CA non-polymer 'CALCIUM ION' 'Ca 2'
EDO non-polymer 1,2-ETHANEDIOL 'C2 H6 O2'
RGA non-polymer 'REIDISPONGIOLIDE A' 'C54 H87 N O13'
#
# COMPACT_ATOMS: atom_id res chain seq x y z
N THR A 5 8.13 -27.42 3.50
CA THR A 5 6.98 -26.87 2.72
C THR A 5 6.19 -25.81 3.51
N THR A 6 6.85 -24.70 3.83
CA THR A 6 6.15 -23.52 4.34
C THR A 6 5.89 -22.62 3.16
N ALA A 7 4.69 -22.07 3.10
CA ALA A 7 4.34 -21.14 2.02
C ALA A 7 5.04 -19.80 2.20
N LEU A 8 5.33 -19.15 1.09
CA LEU A 8 5.87 -17.80 1.05
C LEU A 8 4.75 -16.84 0.72
N VAL A 9 4.87 -15.62 1.23
CA VAL A 9 3.91 -14.56 0.97
C VAL A 9 4.71 -13.34 0.52
N CYS A 10 4.45 -12.88 -0.68
CA CYS A 10 5.14 -11.71 -1.23
C CYS A 10 4.12 -10.65 -1.61
N ASP A 11 4.14 -9.55 -0.85
CA ASP A 11 3.24 -8.43 -1.09
C ASP A 11 4.02 -7.34 -1.82
N ASN A 12 3.76 -7.21 -3.13
CA ASN A 12 4.50 -6.32 -4.04
C ASN A 12 3.82 -4.95 -4.13
N GLY A 13 4.44 -3.93 -3.57
CA GLY A 13 3.90 -2.59 -3.56
C GLY A 13 4.70 -1.61 -4.40
N SER A 14 4.11 -0.45 -4.70
CA SER A 14 4.77 0.58 -5.52
C SER A 14 6.05 1.08 -4.87
N GLY A 15 6.02 1.22 -3.56
CA GLY A 15 7.13 1.73 -2.78
C GLY A 15 7.95 0.63 -2.14
N LEU A 16 7.28 -0.35 -1.54
CA LEU A 16 7.93 -1.39 -0.74
C LEU A 16 7.42 -2.78 -1.07
N VAL A 17 8.34 -3.74 -1.07
CA VAL A 17 8.00 -5.15 -1.06
C VAL A 17 8.00 -5.60 0.40
N LYS A 18 6.96 -6.34 0.77
CA LYS A 18 6.86 -6.96 2.11
C LYS A 18 6.79 -8.45 1.86
N ALA A 19 7.78 -9.20 2.33
CA ALA A 19 7.81 -10.62 2.04
C ALA A 19 8.20 -11.44 3.25
N GLY A 20 7.81 -12.71 3.25
CA GLY A 20 8.06 -13.58 4.38
C GLY A 20 7.42 -14.93 4.25
N PHE A 21 7.30 -15.61 5.38
CA PHE A 21 6.79 -16.97 5.45
C PHE A 21 5.41 -16.97 6.08
N ALA A 22 4.49 -17.70 5.47
CA ALA A 22 3.16 -17.92 6.04
C ALA A 22 3.29 -18.49 7.45
N GLY A 23 2.49 -17.98 8.38
CA GLY A 23 2.61 -18.34 9.78
C GLY A 23 3.43 -17.42 10.66
N ASP A 24 4.32 -16.62 10.06
CA ASP A 24 5.02 -15.56 10.79
C ASP A 24 4.05 -14.42 11.07
N ASP A 25 4.36 -13.65 12.10
CA ASP A 25 3.50 -12.56 12.56
C ASP A 25 3.68 -11.32 11.70
N ALA A 26 4.82 -11.22 11.04
CA ALA A 26 5.19 -10.05 10.26
C ALA A 26 6.13 -10.46 9.13
N PRO A 27 6.21 -9.65 8.07
CA PRO A 27 7.17 -9.94 7.00
C PRO A 27 8.62 -9.81 7.50
N ARG A 28 9.46 -10.79 7.16
CA ARG A 28 10.88 -10.73 7.49
C ARG A 28 11.63 -9.67 6.69
N ALA A 29 11.16 -9.45 5.47
CA ALA A 29 11.83 -8.57 4.54
C ALA A 29 10.89 -7.46 4.11
N VAL A 30 11.34 -6.23 4.30
CA VAL A 30 10.61 -5.03 3.85
C VAL A 30 11.69 -4.17 3.21
N PHE A 31 11.57 -3.95 1.91
CA PHE A 31 12.61 -3.22 1.19
C PHE A 31 12.05 -2.45 -0.02
N PRO A 32 12.73 -1.39 -0.48
CA PRO A 32 12.21 -0.59 -1.60
C PRO A 32 12.08 -1.33 -2.93
N SER A 33 10.97 -1.07 -3.61
CA SER A 33 10.67 -1.68 -4.89
C SER A 33 11.41 -0.95 -6.02
N ILE A 34 12.74 -1.08 -5.99
CA ILE A 34 13.63 -0.35 -6.89
C ILE A 34 14.65 -1.31 -7.47
N VAL A 35 14.93 -1.16 -8.76
CA VAL A 35 16.03 -1.88 -9.42
C VAL A 35 16.94 -0.83 -10.06
N GLY A 36 18.24 -0.96 -9.82
CA GLY A 36 19.20 0.00 -10.35
C GLY A 36 20.25 -0.66 -11.20
N ARG A 37 20.63 0.01 -12.29
CA ARG A 37 21.68 -0.46 -13.20
C ARG A 37 22.76 0.63 -13.35
N PRO A 38 24.02 0.25 -13.54
CA PRO A 38 25.09 1.26 -13.71
C PRO A 38 24.84 2.31 -14.81
N ARG A 39 25.17 3.56 -14.51
CA ARG A 39 25.09 4.65 -15.49
C ARG A 39 26.18 4.51 -16.54
N HIS A 40 27.38 4.15 -16.08
CA HIS A 40 28.56 4.00 -16.93
C HIS A 40 29.33 2.74 -16.56
N GLN A 41 29.73 1.97 -17.56
CA GLY A 48 30.93 -4.43 -7.53
C GLY A 48 32.03 -3.92 -8.43
N GLN A 49 31.68 -3.28 -9.56
CA GLN A 49 30.28 -3.03 -9.95
C GLN A 49 29.59 -4.30 -10.41
N LYS A 50 28.31 -4.45 -10.06
CA LYS A 50 27.47 -5.55 -10.51
C LYS A 50 26.53 -5.04 -11.61
N ASP A 51 25.93 -5.96 -12.37
CA ASP A 51 25.07 -5.59 -13.49
C ASP A 51 23.74 -4.96 -13.05
N SER A 52 23.26 -5.35 -11.87
CA SER A 52 22.06 -4.75 -11.29
C SER A 52 22.03 -4.83 -9.76
N TYR A 53 21.25 -3.93 -9.15
CA TYR A 53 21.10 -3.86 -7.70
C TYR A 53 19.60 -3.73 -7.39
N VAL A 54 19.17 -4.21 -6.23
CA VAL A 54 17.75 -4.17 -5.84
C VAL A 54 17.62 -3.65 -4.40
N GLY A 55 16.53 -2.93 -4.14
CA GLY A 55 16.19 -2.55 -2.78
C GLY A 55 17.09 -1.49 -2.16
N ASP A 56 17.43 -1.69 -0.89
CA ASP A 56 18.19 -0.72 -0.10
C ASP A 56 19.54 -0.40 -0.71
N GLU A 57 20.20 -1.40 -1.28
CA GLU A 57 21.49 -1.21 -1.93
C GLU A 57 21.39 -0.34 -3.19
N ALA A 58 20.33 -0.54 -3.98
CA ALA A 58 20.10 0.33 -5.13
C ALA A 58 19.90 1.80 -4.71
N GLN A 59 19.12 2.04 -3.66
CA GLN A 59 18.86 3.39 -3.18
C GLN A 59 20.14 4.06 -2.64
N SER A 60 20.92 3.32 -1.88
CA SER A 60 22.14 3.86 -1.28
C SER A 60 23.23 4.12 -2.33
N LYS A 61 23.22 3.34 -3.40
CA LYS A 61 24.18 3.50 -4.50
C LYS A 61 23.56 4.26 -5.68
N ARG A 62 22.48 5.01 -5.45
CA ARG A 62 21.73 5.65 -6.54
C ARG A 62 22.53 6.67 -7.37
N GLY A 63 23.57 7.25 -6.78
CA GLY A 63 24.41 8.22 -7.47
C GLY A 63 25.17 7.68 -8.67
N ILE A 64 25.42 6.36 -8.68
CA ILE A 64 26.06 5.71 -9.82
C ILE A 64 25.12 4.79 -10.60
N LEU A 65 23.82 4.84 -10.30
CA LEU A 65 22.83 3.97 -10.96
C LEU A 65 21.69 4.76 -11.63
N THR A 66 21.04 4.13 -12.60
CA THR A 66 19.74 4.58 -13.11
C THR A 66 18.70 3.72 -12.42
N LEU A 67 17.79 4.35 -11.68
CA LEU A 67 16.78 3.63 -10.91
C LEU A 67 15.50 3.46 -11.71
N LYS A 68 14.90 2.28 -11.60
CA LYS A 68 13.60 2.01 -12.17
C LYS A 68 12.68 1.47 -11.07
N TYR A 69 11.40 1.76 -11.22
CA TYR A 69 10.37 1.44 -10.23
C TYR A 69 9.33 0.63 -10.97
N PRO A 70 9.48 -0.69 -10.94
CA PRO A 70 8.64 -1.57 -11.78
C PRO A 70 7.18 -1.67 -11.40
N ILE A 71 6.78 -1.15 -10.24
CA ILE A 71 5.37 -1.12 -9.86
C ILE A 71 4.97 0.34 -9.78
N GLU A 72 4.04 0.72 -10.64
CA GLU A 72 3.56 2.10 -10.75
C GLU A 72 2.07 2.12 -10.44
N HIS A 73 1.69 2.91 -9.44
CA HIS A 73 0.31 2.98 -8.97
C HIS A 73 -0.27 1.57 -8.74
N GLY A 74 0.56 0.68 -8.18
CA GLY A 74 0.14 -0.65 -7.79
C GLY A 74 0.23 -1.74 -8.86
N ILE A 75 0.49 -1.34 -10.11
CA ILE A 75 0.49 -2.23 -11.26
C ILE A 75 1.93 -2.50 -11.69
N ILE A 76 2.27 -3.77 -11.89
CA ILE A 76 3.60 -4.12 -12.42
C ILE A 76 3.66 -3.72 -13.90
N THR A 77 4.61 -2.87 -14.25
CA THR A 77 4.74 -2.35 -15.62
C THR A 77 6.04 -2.72 -16.32
N ASN A 78 6.99 -3.31 -15.58
CA ASN A 78 8.24 -3.79 -16.18
C ASN A 78 8.58 -5.18 -15.67
N TRP A 79 8.45 -6.16 -16.53
CA TRP A 79 8.59 -7.56 -16.14
C TRP A 79 10.03 -7.98 -15.91
N ASP A 80 10.97 -7.45 -16.68
CA ASP A 80 12.38 -7.78 -16.46
C ASP A 80 12.82 -7.31 -15.07
N ASP A 81 12.46 -6.07 -14.72
CA ASP A 81 12.80 -5.49 -13.43
C ASP A 81 12.07 -6.23 -12.31
N MET A 82 10.82 -6.60 -12.55
CA MET A 82 10.06 -7.28 -11.50
C MET A 82 10.64 -8.67 -11.23
N GLU A 83 11.11 -9.35 -12.27
CA GLU A 83 11.79 -10.62 -12.09
C GLU A 83 13.01 -10.46 -11.18
N LYS A 84 13.75 -9.36 -11.36
CA LYS A 84 14.91 -9.08 -10.51
C LYS A 84 14.48 -8.85 -9.05
N ILE A 85 13.34 -8.18 -8.85
CA ILE A 85 12.83 -7.96 -7.49
C ILE A 85 12.45 -9.28 -6.81
N TRP A 86 11.73 -10.13 -7.53
CA TRP A 86 11.35 -11.43 -6.97
C TRP A 86 12.57 -12.30 -6.71
N HIS A 87 13.54 -12.28 -7.62
CA HIS A 87 14.75 -13.07 -7.44
C HIS A 87 15.49 -12.60 -6.19
N HIS A 88 15.59 -11.29 -6.02
CA HIS A 88 16.23 -10.71 -4.84
C HIS A 88 15.48 -11.11 -3.57
N THR A 89 14.16 -11.07 -3.62
CA THR A 89 13.34 -11.48 -2.49
C THR A 89 13.65 -12.91 -2.04
N PHE A 90 13.65 -13.84 -2.98
CA PHE A 90 13.84 -15.25 -2.65
C PHE A 90 15.29 -15.50 -2.26
N TYR A 91 16.22 -15.13 -3.12
CA TYR A 91 17.63 -15.52 -2.99
C TYR A 91 18.37 -14.74 -1.90
N ASN A 92 18.20 -13.42 -1.85
CA ASN A 92 18.94 -12.55 -0.93
C ASN A 92 18.21 -12.34 0.41
N GLU A 93 16.95 -11.95 0.36
CA GLU A 93 16.26 -11.50 1.57
C GLU A 93 15.78 -12.66 2.43
N LEU A 94 15.10 -13.63 1.81
CA LEU A 94 14.51 -14.76 2.53
C LEU A 94 15.39 -16.00 2.57
N ARG A 95 16.39 -16.05 1.68
CA ARG A 95 17.32 -17.18 1.58
C ARG A 95 16.58 -18.51 1.38
N VAL A 96 15.71 -18.53 0.35
CA VAL A 96 14.93 -19.72 0.02
C VAL A 96 15.10 -20.11 -1.43
N ALA A 97 14.89 -21.40 -1.69
CA ALA A 97 14.77 -21.92 -3.05
C ALA A 97 13.27 -21.93 -3.36
N PRO A 98 12.82 -21.06 -4.28
CA PRO A 98 11.37 -20.95 -4.55
C PRO A 98 10.76 -22.25 -5.06
N GLU A 99 11.55 -23.13 -5.66
CA GLU A 99 11.05 -24.42 -6.09
C GLU A 99 10.59 -25.34 -4.95
N GLU A 100 10.89 -24.98 -3.70
CA GLU A 100 10.48 -25.76 -2.53
C GLU A 100 9.24 -25.21 -1.80
N HIS A 101 8.69 -24.07 -2.23
CA HIS A 101 7.62 -23.42 -1.47
C HIS A 101 6.46 -22.92 -2.32
N PRO A 102 5.24 -23.29 -1.95
CA PRO A 102 4.06 -22.60 -2.50
C PRO A 102 4.19 -21.10 -2.25
N THR A 103 3.84 -20.27 -3.25
CA THR A 103 4.09 -18.85 -3.15
C THR A 103 2.81 -18.08 -3.45
N LEU A 104 2.37 -17.29 -2.48
CA LEU A 104 1.24 -16.40 -2.62
C LEU A 104 1.73 -15.00 -2.95
N LEU A 105 1.28 -14.47 -4.09
CA LEU A 105 1.58 -13.11 -4.48
C LEU A 105 0.34 -12.25 -4.30
N THR A 106 0.56 -10.96 -4.11
CA THR A 106 -0.54 -10.01 -4.09
C THR A 106 -0.56 -9.17 -5.36
N GLU A 107 -1.72 -8.58 -5.60
CA GLU A 107 -1.97 -7.75 -6.76
C GLU A 107 -2.93 -6.62 -6.40
N ALA A 108 -2.92 -5.59 -7.24
CA ALA A 108 -3.79 -4.45 -7.08
C ALA A 108 -5.21 -4.85 -7.46
N PRO A 109 -6.19 -4.18 -6.86
CA PRO A 109 -7.55 -4.23 -7.38
C PRO A 109 -7.56 -3.85 -8.86
N LEU A 110 -8.39 -4.52 -9.65
CA LEU A 110 -8.56 -4.25 -11.08
C LEU A 110 -7.30 -4.55 -11.91
N ASN A 111 -6.42 -5.38 -11.38
CA ASN A 111 -5.23 -5.79 -12.13
C ASN A 111 -5.67 -6.49 -13.43
N PRO A 112 -5.16 -6.04 -14.58
CA PRO A 112 -5.56 -6.63 -15.86
C PRO A 112 -5.30 -8.13 -15.93
N LYS A 113 -6.18 -8.83 -16.66
CA LYS A 113 -6.06 -10.26 -16.91
C LYS A 113 -4.66 -10.65 -17.41
N ALA A 114 -4.12 -9.89 -18.35
CA ALA A 114 -2.83 -10.20 -18.98
C ALA A 114 -1.69 -10.07 -17.95
N ASN A 115 -1.86 -9.15 -17.01
CA ASN A 115 -0.89 -8.94 -15.94
C ASN A 115 -0.83 -10.12 -14.97
N ARG A 116 -1.98 -10.56 -14.48
CA ARG A 116 -2.01 -11.73 -13.60
C ARG A 116 -1.54 -12.99 -14.32
N GLU A 117 -1.75 -13.07 -15.63
CA GLU A 117 -1.22 -14.17 -16.42
C GLU A 117 0.31 -14.16 -16.41
N LYS A 118 0.91 -12.99 -16.58
CA LYS A 118 2.37 -12.89 -16.64
C LYS A 118 2.98 -13.19 -15.27
N MET A 119 2.32 -12.76 -14.20
CA MET A 119 2.76 -13.08 -12.83
C MET A 119 2.83 -14.58 -12.66
N THR A 120 1.77 -15.26 -13.09
CA THR A 120 1.67 -16.70 -12.98
C THR A 120 2.74 -17.38 -13.82
N GLN A 121 2.90 -16.94 -15.06
CA GLN A 121 3.91 -17.50 -15.95
C GLN A 121 5.29 -17.43 -15.33
N ILE A 122 5.63 -16.27 -14.79
CA ILE A 122 6.99 -16.07 -14.28
C ILE A 122 7.24 -16.96 -13.07
N MET A 123 6.26 -17.06 -12.19
CA MET A 123 6.42 -17.90 -10.99
C MET A 123 6.69 -19.34 -11.32
N PHE A 124 5.95 -19.90 -12.28
CA PHE A 124 6.13 -21.29 -12.66
C PHE A 124 7.34 -21.51 -13.58
N GLU A 125 7.52 -20.65 -14.58
CA GLU A 125 8.55 -20.88 -15.59
C GLU A 125 9.94 -20.37 -15.20
N THR A 126 10.01 -19.22 -14.54
CA THR A 126 11.29 -18.66 -14.12
C THR A 126 11.70 -19.23 -12.77
N PHE A 127 10.76 -19.25 -11.83
CA PHE A 127 11.10 -19.62 -10.45
C PHE A 127 10.73 -21.07 -10.10
N ASN A 128 10.02 -21.76 -10.98
CA ASN A 128 9.70 -23.18 -10.79
C ASN A 128 9.02 -23.49 -9.45
N VAL A 129 8.09 -22.61 -9.05
CA VAL A 129 7.37 -22.86 -7.80
C VAL A 129 6.49 -24.11 -7.92
N PRO A 130 6.29 -24.85 -6.83
CA PRO A 130 5.41 -26.02 -6.85
C PRO A 130 3.93 -25.66 -6.91
N ALA A 131 3.61 -24.46 -6.46
CA ALA A 131 2.24 -23.98 -6.39
C ALA A 131 2.26 -22.47 -6.18
N MET A 132 1.16 -21.80 -6.54
CA MET A 132 1.11 -20.36 -6.44
C MET A 132 -0.35 -19.89 -6.37
N TYR A 133 -0.53 -18.67 -5.90
CA TYR A 133 -1.85 -18.02 -5.90
C TYR A 133 -1.61 -16.53 -5.99
N VAL A 134 -2.56 -15.79 -6.57
CA VAL A 134 -2.51 -14.33 -6.63
C VAL A 134 -3.79 -13.80 -5.99
N ALA A 135 -3.67 -12.97 -4.96
CA ALA A 135 -4.81 -12.41 -4.24
C ALA A 135 -4.78 -10.89 -4.24
N ILE A 136 -5.96 -10.28 -4.23
CA ILE A 136 -6.10 -8.82 -4.19
C ILE A 136 -5.68 -8.28 -2.85
N GLN A 137 -4.83 -7.25 -2.86
CA GLN A 137 -4.26 -6.68 -1.62
C GLN A 137 -5.34 -6.29 -0.61
N ALA A 138 -6.34 -5.52 -1.04
CA ALA A 138 -7.36 -5.03 -0.11
C ALA A 138 -8.14 -6.15 0.53
N VAL A 139 -8.40 -7.22 -0.22
CA VAL A 139 -9.12 -8.37 0.30
C VAL A 139 -8.31 -9.00 1.43
N LEU A 140 -7.02 -9.14 1.23
CA LEU A 140 -6.16 -9.70 2.27
C LEU A 140 -6.18 -8.82 3.52
N SER A 141 -6.17 -7.50 3.37
CA SER A 141 -6.24 -6.63 4.55
C SER A 141 -7.54 -6.81 5.31
N LEU A 142 -8.62 -7.01 4.58
CA LEU A 142 -9.92 -7.25 5.23
C LEU A 142 -9.84 -8.55 6.04
N TYR A 143 -9.27 -9.58 5.45
CA TYR A 143 -9.14 -10.86 6.15
C TYR A 143 -8.34 -10.70 7.44
N ALA A 144 -7.26 -9.92 7.40
CA ALA A 144 -6.38 -9.71 8.56
C ALA A 144 -7.14 -9.03 9.68
N SER A 145 -8.16 -8.24 9.34
CA SER A 145 -9.01 -7.61 10.36
C SER A 145 -10.06 -8.55 10.94
N GLY A 146 -10.09 -9.80 10.49
CA GLY A 146 -10.99 -10.81 11.03
C GLY A 146 -12.38 -10.82 10.45
N ARG A 147 -12.54 -10.37 9.22
CA ARG A 147 -13.84 -10.37 8.58
C ARG A 147 -13.74 -10.62 7.07
N THR A 148 -14.88 -10.99 6.50
CA THR A 148 -14.98 -11.22 5.05
C THR A 148 -15.91 -10.27 4.34
N THR A 149 -16.59 -9.40 5.08
CA THR A 149 -17.41 -8.35 4.49
C THR A 149 -17.01 -6.99 5.08
N GLY A 150 -16.82 -6.03 4.19
CA GLY A 150 -16.51 -4.67 4.58
C GLY A 150 -16.00 -3.87 3.40
N ILE A 151 -15.65 -2.60 3.63
CA ILE A 151 -15.06 -1.78 2.58
C ILE A 151 -13.69 -1.31 3.06
N VAL A 152 -12.67 -1.60 2.26
CA VAL A 152 -11.31 -1.25 2.59
C VAL A 152 -10.91 0.04 1.91
N LEU A 153 -10.24 0.91 2.65
CA LEU A 153 -9.50 2.02 2.09
C LEU A 153 -8.04 1.62 2.20
N ASP A 154 -7.41 1.34 1.06
CA ASP A 154 -5.99 0.92 1.05
C ASP A 154 -5.23 2.07 0.39
N SER A 155 -4.29 2.67 1.12
CA SER A 155 -3.48 3.78 0.59
C SER A 155 -2.02 3.54 0.92
N GLY A 156 -1.18 3.47 -0.13
CA GLY A 156 0.23 3.15 0.01
C GLY A 156 1.11 4.31 -0.40
N ASP A 157 2.20 4.02 -1.11
CA ASP A 157 3.09 5.06 -1.59
C ASP A 157 2.66 5.60 -2.95
N GLY A 158 1.98 4.80 -3.75
CA GLY A 158 1.66 5.15 -5.13
C GLY A 158 0.20 5.24 -5.52
N VAL A 159 -0.68 4.51 -4.83
CA VAL A 159 -2.10 4.49 -5.21
C VAL A 159 -2.99 4.33 -3.99
N THR A 160 -4.22 4.80 -4.11
CA THR A 160 -5.25 4.62 -3.09
C THR A 160 -6.45 3.96 -3.74
N HIS A 161 -7.02 2.95 -3.09
CA HIS A 161 -8.24 2.30 -3.55
C HIS A 161 -9.31 2.25 -2.47
N ASN A 162 -10.57 2.38 -2.88
CA ASN A 162 -11.70 1.91 -2.07
C ASN A 162 -12.16 0.57 -2.66
N VAL A 163 -12.22 -0.47 -1.84
CA VAL A 163 -12.58 -1.80 -2.30
C VAL A 163 -13.67 -2.41 -1.42
N PRO A 164 -14.91 -2.39 -1.89
CA PRO A 164 -15.99 -3.07 -1.18
C PRO A 164 -15.89 -4.57 -1.44
N ILE A 165 -16.10 -5.34 -0.38
CA ILE A 165 -15.90 -6.78 -0.36
C ILE A 165 -17.09 -7.43 0.35
N TYR A 166 -17.67 -8.45 -0.27
CA TYR A 166 -18.83 -9.14 0.29
C TYR A 166 -18.64 -10.64 0.28
N GLU A 167 -18.79 -11.23 1.46
CA GLU A 167 -18.65 -12.66 1.66
C GLU A 167 -17.34 -13.20 1.09
N GLY A 168 -16.30 -12.37 1.22
CA GLY A 168 -14.94 -12.77 0.88
C GLY A 168 -14.41 -12.29 -0.45
N TYR A 169 -15.26 -11.72 -1.31
CA TYR A 169 -14.87 -11.35 -2.66
C TYR A 169 -15.10 -9.88 -2.96
N ALA A 170 -14.11 -9.25 -3.59
CA ALA A 170 -14.20 -7.86 -4.01
C ALA A 170 -15.28 -7.70 -5.08
N LEU A 171 -15.85 -6.51 -5.12
CA LEU A 171 -16.95 -6.19 -6.04
C LEU A 171 -16.39 -5.21 -7.07
N PRO A 172 -15.89 -5.73 -8.20
CA PRO A 172 -15.11 -4.88 -9.13
C PRO A 172 -15.80 -3.63 -9.67
N HIS A 173 -17.12 -3.69 -9.89
CA HIS A 173 -17.85 -2.53 -10.42
C HIS A 173 -17.85 -1.32 -9.49
N ALA A 174 -17.67 -1.56 -8.19
CA ALA A 174 -17.70 -0.50 -7.18
C ALA A 174 -16.32 -0.07 -6.69
N ILE A 175 -15.25 -0.64 -7.24
CA ILE A 175 -13.90 -0.25 -6.84
C ILE A 175 -13.55 1.14 -7.36
N MET A 176 -12.96 1.95 -6.49
CA MET A 176 -12.47 3.28 -6.85
C MET A 176 -10.95 3.32 -6.76
N ARG A 177 -10.31 3.92 -7.77
CA ARG A 177 -8.86 4.14 -7.78
C ARG A 177 -8.55 5.63 -7.83
N LEU A 178 -7.61 6.04 -6.98
CA LEU A 178 -7.16 7.42 -6.89
C LEU A 178 -5.62 7.42 -6.90
N ASP A 179 -5.02 8.08 -7.88
CA ASP A 179 -3.56 8.17 -8.00
C ASP A 179 -3.03 9.32 -7.14
N LEU A 180 -3.33 9.23 -5.85
CA LEU A 180 -2.83 10.15 -4.85
C LEU A 180 -2.54 9.26 -3.66
N ALA A 181 -1.29 9.26 -3.23
CA ALA A 181 -0.88 8.46 -2.09
C ALA A 181 0.39 9.03 -1.45
N GLY A 182 1.16 8.20 -0.76
CA GLY A 182 2.23 8.66 0.10
C GLY A 182 3.30 9.50 -0.58
N ARG A 183 3.68 9.14 -1.80
CA ARG A 183 4.73 9.89 -2.50
C ARG A 183 4.27 11.32 -2.76
N ASP A 184 3.00 11.47 -3.14
CA ASP A 184 2.41 12.81 -3.35
C ASP A 184 2.42 13.60 -2.06
N LEU A 185 2.16 12.94 -0.93
CA LEU A 185 2.15 13.62 0.36
C LEU A 185 3.55 14.04 0.76
N THR A 186 4.53 13.20 0.47
CA THR A 186 5.92 13.55 0.72
C THR A 186 6.32 14.77 -0.09
N ASP A 187 5.95 14.78 -1.37
CA ASP A 187 6.33 15.86 -2.27
C ASP A 187 5.71 17.17 -1.81
N TYR A 188 4.45 17.10 -1.37
CA TYR A 188 3.74 18.28 -0.88
C TYR A 188 4.36 18.80 0.41
N LEU A 189 4.75 17.91 1.31
CA LEU A 189 5.41 18.35 2.53
C LEU A 189 6.75 19.03 2.21
N MET A 190 7.48 18.49 1.25
CA MET A 190 8.71 19.14 0.78
C MET A 190 8.40 20.56 0.33
N LYS A 191 7.34 20.72 -0.45
CA LYS A 191 6.94 22.01 -1.02
C LYS A 191 6.58 23.00 0.07
N ILE A 192 5.74 22.60 1.02
CA ILE A 192 5.29 23.56 2.02
C ILE A 192 6.34 23.87 3.09
N LEU A 193 7.25 22.94 3.39
CA LEU A 193 8.38 23.27 4.27
C LEU A 193 9.33 24.24 3.56
N THR A 194 9.48 24.09 2.25
CA THR A 194 10.28 25.04 1.50
C THR A 194 9.62 26.43 1.51
N GLU A 195 8.30 26.48 1.36
CA GLU A 195 7.58 27.76 1.39
C GLU A 195 7.72 28.45 2.76
N ARG A 196 7.91 27.65 3.81
CA ARG A 196 8.10 28.15 5.18
C ARG A 196 9.44 28.90 5.34
N GLY A 197 10.42 28.55 4.50
CA GLY A 197 11.71 29.20 4.53
C GLY A 197 12.90 28.24 4.54
N TYR A 198 12.60 26.95 4.65
CA TYR A 198 13.61 25.91 4.52
C TYR A 198 13.83 25.58 3.04
N SER A 199 14.70 24.61 2.78
CA SER A 199 14.95 24.15 1.41
C SER A 199 15.04 22.63 1.38
N PHE A 200 13.93 22.00 1.03
CA PHE A 200 13.87 20.55 0.86
C PHE A 200 13.54 20.28 -0.61
N VAL A 201 14.58 19.98 -1.38
CA VAL A 201 14.47 19.82 -2.83
C VAL A 201 15.20 18.61 -3.42
N THR A 202 16.28 18.14 -2.77
CA THR A 202 17.10 17.09 -3.35
C THR A 202 16.58 15.71 -2.98
N THR A 203 17.12 14.68 -3.63
CA THR A 203 16.69 13.31 -3.38
C THR A 203 16.98 12.90 -1.95
N ALA A 204 18.09 13.38 -1.38
CA ALA A 204 18.40 13.08 0.00
C ALA A 204 17.40 13.77 0.91
N GLU A 205 17.01 14.98 0.54
CA GLU A 205 16.05 15.75 1.32
C GLU A 205 14.65 15.14 1.22
N ARG A 206 14.34 14.47 0.12
CA ARG A 206 13.08 13.72 -0.01
C ARG A 206 13.02 12.62 1.05
N GLU A 207 14.11 11.88 1.23
CA GLU A 207 14.17 10.84 2.25
C GLU A 207 13.99 11.40 3.66
N ILE A 208 14.60 12.56 3.92
CA ILE A 208 14.45 13.23 5.21
C ILE A 208 12.99 13.65 5.42
N VAL A 209 12.37 14.26 4.43
CA VAL A 209 10.99 14.74 4.56
C VAL A 209 10.03 13.57 4.72
N ARG A 210 10.29 12.45 4.06
CA ARG A 210 9.48 11.25 4.29
C ARG A 210 9.54 10.82 5.74
N ASP A 211 10.72 10.89 6.37
CA ASP A 211 10.86 10.60 7.79
C ASP A 211 10.06 11.58 8.65
N ILE A 212 10.12 12.86 8.30
CA ILE A 212 9.35 13.88 9.03
C ILE A 212 7.85 13.55 8.97
N LYS A 213 7.38 13.25 7.76
CA LYS A 213 5.99 12.92 7.48
C LYS A 213 5.57 11.73 8.37
N GLU A 214 6.40 10.70 8.40
CA GLU A 214 6.06 9.48 9.11
C GLU A 214 6.12 9.64 10.62
N LYS A 215 6.89 10.61 11.10
CA LYS A 215 7.08 10.81 12.53
C LYS A 215 6.23 11.90 13.17
N LEU A 216 5.85 12.92 12.41
CA LEU A 216 5.27 14.12 12.99
C LEU A 216 3.93 14.55 12.41
N CYS A 217 3.53 13.98 11.28
CA CYS A 217 2.26 14.38 10.68
C CYS A 217 1.06 13.74 11.38
N TYR A 218 -0.09 14.37 11.25
CA TYR A 218 -1.34 13.84 11.79
C TYR A 218 -2.52 14.44 11.04
N VAL A 219 -3.66 13.77 11.12
CA VAL A 219 -4.90 14.28 10.52
C VAL A 219 -5.68 15.06 11.58
N ALA A 220 -5.92 16.34 11.29
CA ALA A 220 -6.73 17.18 12.17
C ALA A 220 -8.19 16.73 12.13
N LEU A 221 -8.88 16.80 13.26
CA LEU A 221 -10.31 16.50 13.30
C LEU A 221 -11.11 17.57 12.54
N ASP A 222 -10.61 18.80 12.65
CA ASP A 222 -11.15 19.93 11.90
C ASP A 222 -10.00 20.81 11.40
N PHE A 223 -9.89 20.91 10.09
CA PHE A 223 -8.82 21.67 9.46
C PHE A 223 -8.79 23.12 9.92
N GLU A 224 -9.93 23.79 9.91
CA GLU A 224 -9.93 25.21 10.22
C GLU A 224 -9.56 25.48 11.67
N ASN A 225 -10.12 24.72 12.59
CA ASN A 225 -9.81 24.88 14.00
C ASN A 225 -8.30 24.72 14.19
N GLU A 226 -7.72 23.71 13.52
CA GLU A 226 -6.31 23.41 13.68
C GLU A 226 -5.43 24.51 13.09
N MET A 227 -5.82 25.06 11.94
CA MET A 227 -5.11 26.18 11.37
C MET A 227 -5.15 27.39 12.31
N ALA A 228 -6.28 27.62 12.97
CA ALA A 228 -6.41 28.76 13.85
C ALA A 228 -5.53 28.57 15.09
N THR A 229 -5.47 27.34 15.60
CA THR A 229 -4.58 27.05 16.73
C THR A 229 -3.13 27.32 16.37
N ALA A 230 -2.72 26.87 15.19
CA ALA A 230 -1.34 27.05 14.73
C ALA A 230 -0.99 28.52 14.51
N ALA A 231 -1.98 29.34 14.14
CA ALA A 231 -1.76 30.75 13.86
C ALA A 231 -1.60 31.58 15.12
N SER A 232 -2.13 31.08 16.23
CA SER A 232 -2.27 31.88 17.44
C SER A 232 -1.46 31.37 18.63
N SER A 233 -0.74 30.26 18.43
CA SER A 233 0.01 29.63 19.50
C SER A 233 1.12 28.76 18.92
N SER A 234 2.10 28.42 19.75
CA SER A 234 3.14 27.48 19.36
C SER A 234 2.84 26.04 19.80
N SER A 235 1.61 25.76 20.25
CA SER A 235 1.28 24.47 20.88
C SER A 235 1.36 23.25 19.93
N LEU A 236 1.31 23.47 18.62
CA LEU A 236 1.38 22.39 17.65
C LEU A 236 2.76 22.26 17.00
N GLU A 237 3.71 23.08 17.41
CA GLU A 237 5.04 23.09 16.81
C GLU A 237 5.92 22.00 17.42
N LYS A 238 6.63 21.30 16.55
CA LYS A 238 7.56 20.23 16.95
C LYS A 238 8.93 20.48 16.32
N SER A 239 9.97 20.11 17.07
CA SER A 239 11.34 20.19 16.61
C SER A 239 11.71 18.89 15.88
N TYR A 240 12.60 19.00 14.90
CA TYR A 240 13.11 17.84 14.19
C TYR A 240 14.56 18.07 13.81
N GLU A 241 15.41 17.12 14.17
CA GLU A 241 16.84 17.24 13.94
C GLU A 241 17.24 16.55 12.64
N LEU A 242 17.82 17.32 11.72
CA LEU A 242 18.34 16.80 10.45
C LEU A 242 19.58 15.95 10.71
N PRO A 243 20.02 15.16 9.73
CA PRO A 243 21.21 14.31 9.90
C PRO A 243 22.46 15.06 10.35
N ASP A 244 22.64 16.30 9.89
CA ASP A 244 23.84 17.10 10.21
C ASP A 244 23.76 17.91 11.51
N GLY A 245 22.65 17.79 12.25
CA GLY A 245 22.51 18.41 13.55
C GLY A 245 21.63 19.65 13.62
N GLN A 246 21.38 20.29 12.47
CA GLN A 246 20.49 21.45 12.44
C GLN A 246 19.08 21.07 12.86
N VAL A 247 18.48 21.89 13.72
CA VAL A 247 17.14 21.65 14.23
C VAL A 247 16.17 22.59 13.53
N ILE A 248 15.10 22.03 12.96
CA ILE A 248 14.05 22.83 12.32
C ILE A 248 12.73 22.70 13.08
N THR A 249 11.78 23.57 12.77
CA THR A 249 10.46 23.56 13.41
C THR A 249 9.39 23.25 12.37
N ILE A 250 8.53 22.28 12.69
CA ILE A 250 7.36 21.93 11.87
C ILE A 250 6.10 22.36 12.63
N GLY A 251 5.23 23.11 11.98
CA GLY A 251 4.01 23.60 12.61
C GLY A 251 2.78 23.04 11.93
N ASN A 252 2.02 23.92 11.28
CA ASN A 252 0.80 23.48 10.63
C ASN A 252 1.02 22.52 9.46
N GLU A 253 2.26 22.41 8.98
CA GLU A 253 2.60 21.44 7.95
C GLU A 253 2.29 20.00 8.43
N ARG A 254 2.35 19.78 9.74
CA ARG A 254 2.08 18.47 10.31
C ARG A 254 0.72 17.93 9.87
N PHE A 255 -0.31 18.77 9.87
CA PHE A 255 -1.65 18.31 9.46
C PHE A 255 -2.07 18.78 8.06
N ARG A 256 -1.45 19.84 7.56
CA ARG A 256 -1.71 20.27 6.17
C ARG A 256 -1.33 19.19 5.15
N CYS A 257 -0.27 18.45 5.43
CA CYS A 257 0.18 17.41 4.53
C CYS A 257 -0.86 16.30 4.30
N PRO A 258 -1.28 15.55 5.33
CA PRO A 258 -2.31 14.51 5.14
C PRO A 258 -3.71 15.05 4.86
N GLU A 259 -3.95 16.33 5.10
CA GLU A 259 -5.24 16.92 4.75
C GLU A 259 -5.55 16.74 3.26
N THR A 260 -4.50 16.68 2.46
CA THR A 260 -4.62 16.43 1.02
C THR A 260 -5.45 15.19 0.69
N LEU A 261 -5.41 14.17 1.54
CA LEU A 261 -6.24 12.99 1.31
C LEU A 261 -7.73 13.30 1.29
N PHE A 262 -8.14 14.24 2.14
CA PHE A 262 -9.54 14.66 2.24
C PHE A 262 -9.88 15.78 1.25
N GLN A 263 -8.87 16.55 0.85
CA GLN A 263 -9.04 17.66 -0.09
C GLN A 263 -7.89 17.67 -1.10
N PRO A 264 -7.99 16.81 -2.13
CA PRO A 264 -6.92 16.71 -3.13
C PRO A 264 -6.60 18.00 -3.89
N SER A 265 -7.49 18.99 -3.83
CA SER A 265 -7.23 20.28 -4.49
C SER A 265 -6.00 20.98 -3.97
N PHE A 266 -5.58 20.67 -2.74
CA PHE A 266 -4.35 21.26 -2.23
C PHE A 266 -3.14 21.01 -3.13
N ILE A 267 -3.13 19.90 -3.87
CA ILE A 267 -2.05 19.63 -4.85
C ILE A 267 -2.57 19.65 -6.30
N GLY A 268 -3.68 20.35 -6.51
CA GLY A 268 -4.21 20.56 -7.84
C GLY A 268 -4.93 19.40 -8.48
N MET A 269 -5.25 18.37 -7.71
CA MET A 269 -6.08 17.28 -8.19
C MET A 269 -7.55 17.57 -7.92
N GLU A 270 -8.40 17.35 -8.90
CA GLU A 270 -9.83 17.62 -8.77
C GLU A 270 -10.66 16.46 -8.20
N SER A 271 -9.98 15.35 -7.89
CA SER A 271 -10.61 14.16 -7.34
C SER A 271 -11.35 14.40 -6.04
N ALA A 272 -12.40 13.62 -5.83
CA ALA A 272 -13.03 13.50 -4.53
C ALA A 272 -11.98 13.02 -3.51
N GLY A 273 -12.11 13.49 -2.28
CA GLY A 273 -11.28 13.01 -1.17
C GLY A 273 -11.69 11.63 -0.70
N ILE A 274 -10.89 11.05 0.20
CA ILE A 274 -11.07 9.65 0.60
C ILE A 274 -12.38 9.33 1.31
N HIS A 275 -12.96 10.31 2.00
CA HIS A 275 -14.31 10.14 2.55
C HIS A 275 -15.40 10.07 1.48
N GLU A 276 -15.25 10.90 0.46
CA GLU A 276 -16.22 10.95 -0.63
C GLU A 276 -16.13 9.71 -1.52
N THR A 277 -14.91 9.24 -1.78
CA THR A 277 -14.75 8.04 -2.61
C THR A 277 -15.27 6.83 -1.83
N THR A 278 -15.14 6.83 -0.51
CA THR A 278 -15.69 5.74 0.29
C THR A 278 -17.20 5.68 0.15
N TYR A 279 -17.83 6.85 0.33
CA TYR A 279 -19.27 6.98 0.17
C TYR A 279 -19.72 6.58 -1.24
N ASN A 280 -19.03 7.10 -2.26
CA ASN A 280 -19.39 6.83 -3.65
C ASN A 280 -19.27 5.33 -3.97
N SER A 281 -18.27 4.67 -3.40
CA SER A 281 -18.06 3.25 -3.61
C SER A 281 -19.20 2.44 -2.98
N ILE A 282 -19.55 2.77 -1.74
CA ILE A 282 -20.67 2.13 -1.05
C ILE A 282 -21.94 2.28 -1.89
N MET A 283 -22.18 3.46 -2.43
CA MET A 283 -23.41 3.72 -3.19
C MET A 283 -23.48 3.03 -4.55
N LYS A 284 -22.36 2.48 -5.03
CA LYS A 284 -22.37 1.68 -6.25
C LYS A 284 -22.74 0.22 -5.96
N CYS A 285 -22.77 -0.16 -4.69
CA CYS A 285 -23.08 -1.53 -4.30
C CYS A 285 -24.57 -1.73 -4.11
N ASP A 286 -24.99 -2.99 -4.18
CA ASP A 286 -26.37 -3.38 -3.97
C ASP A 286 -26.85 -2.83 -2.64
N ILE A 287 -28.05 -2.27 -2.64
CA ILE A 287 -28.56 -1.55 -1.46
C ILE A 287 -28.61 -2.45 -0.21
N ASP A 288 -28.81 -3.74 -0.41
CA ASP A 288 -28.92 -4.71 0.68
C ASP A 288 -27.66 -4.88 1.54
N ILE A 289 -26.48 -4.58 0.98
CA ILE A 289 -25.22 -4.79 1.71
C ILE A 289 -24.58 -3.51 2.21
N ARG A 290 -25.15 -2.37 1.85
CA ARG A 290 -24.54 -1.08 2.17
C ARG A 290 -24.34 -0.87 3.67
N LYS A 291 -25.29 -1.31 4.49
CA LYS A 291 -25.16 -1.14 5.94
C LYS A 291 -24.00 -1.97 6.49
N ASP A 292 -23.77 -3.14 5.91
CA ASP A 292 -22.63 -3.99 6.27
C ASP A 292 -21.32 -3.26 5.97
N LEU A 293 -21.29 -2.53 4.85
CA LEU A 293 -20.09 -1.78 4.46
C LEU A 293 -19.86 -0.59 5.37
N TYR A 294 -20.90 0.17 5.68
CA TYR A 294 -20.76 1.32 6.56
C TYR A 294 -20.26 0.93 7.95
N ALA A 295 -20.62 -0.27 8.41
CA ALA A 295 -20.28 -0.76 9.74
C ALA A 295 -18.92 -1.46 9.78
N ASN A 296 -18.26 -1.54 8.62
CA ASN A 296 -17.00 -2.26 8.48
C ASN A 296 -16.04 -1.58 7.50
N ASN A 297 -15.74 -0.31 7.75
CA ASN A 297 -14.72 0.43 7.00
C ASN A 297 -13.36 0.12 7.60
N VAL A 298 -12.50 -0.59 6.85
CA VAL A 298 -11.19 -0.98 7.34
C VAL A 298 -10.12 -0.21 6.58
N MET A 299 -9.22 0.43 7.34
CA MET A 299 -8.11 1.17 6.77
C MET A 299 -6.91 0.26 6.65
N SER A 300 -6.24 0.37 5.51
CA SER A 300 -4.99 -0.36 5.30
C SER A 300 -3.98 0.44 4.51
N GLY A 301 -2.71 0.07 4.66
CA GLY A 301 -1.63 0.72 3.97
C GLY A 301 -0.96 1.81 4.77
N GLY A 302 0.29 2.12 4.42
CA GLY A 302 1.10 3.05 5.18
C GLY A 302 0.57 4.48 5.23
N THR A 303 -0.15 4.89 4.19
CA THR A 303 -0.65 6.25 4.13
C THR A 303 -1.96 6.43 4.92
N THR A 304 -2.48 5.34 5.49
CA THR A 304 -3.55 5.47 6.49
C THR A 304 -3.02 5.53 7.93
N MET A 305 -1.71 5.60 8.10
CA MET A 305 -1.10 5.52 9.44
C MET A 305 -1.17 6.79 10.27
N TYR A 306 -1.61 7.90 9.67
CA TYR A 306 -1.65 9.19 10.38
C TYR A 306 -2.53 9.13 11.63
N PRO A 307 -1.99 9.54 12.80
CA PRO A 307 -2.85 9.68 13.98
C PRO A 307 -4.02 10.59 13.66
N GLY A 308 -5.23 10.22 14.10
CA GLY A 308 -6.42 11.02 13.89
C GLY A 308 -7.24 10.65 12.68
N ILE A 309 -6.71 9.79 11.81
CA ILE A 309 -7.41 9.49 10.58
C ILE A 309 -8.74 8.79 10.81
N ALA A 310 -8.83 7.90 11.80
CA ALA A 310 -10.08 7.16 12.01
C ALA A 310 -11.19 8.08 12.50
N ASP A 311 -10.89 8.95 13.46
CA ASP A 311 -11.89 9.88 13.99
C ASP A 311 -12.37 10.84 12.91
N ARG A 312 -11.46 11.28 12.05
CA ARG A 312 -11.81 12.20 10.98
C ARG A 312 -12.70 11.49 9.95
N MET A 313 -12.34 10.25 9.59
CA MET A 313 -13.14 9.47 8.68
C MET A 313 -14.56 9.22 9.27
N GLN A 314 -14.63 8.92 10.57
CA GLN A 314 -15.91 8.71 11.22
C GLN A 314 -16.77 9.96 11.09
N LYS A 315 -16.16 11.11 11.34
CA LYS A 315 -16.87 12.40 11.24
C LYS A 315 -17.37 12.66 9.81
N GLU A 316 -16.49 12.45 8.83
CA GLU A 316 -16.81 12.81 7.46
C GLU A 316 -17.85 11.88 6.86
N ILE A 317 -17.72 10.58 7.14
CA ILE A 317 -18.68 9.61 6.61
C ILE A 317 -20.03 9.83 7.28
N THR A 318 -20.03 10.15 8.57
CA THR A 318 -21.29 10.42 9.27
C THR A 318 -22.06 11.57 8.61
N ALA A 319 -21.33 12.59 8.16
CA ALA A 319 -21.95 13.75 7.53
C ALA A 319 -22.56 13.46 6.15
N LEU A 320 -22.05 12.42 5.49
CA LEU A 320 -22.51 12.03 4.15
C LEU A 320 -23.61 10.98 4.18
N ALA A 321 -23.62 10.15 5.21
CA ALA A 321 -24.49 8.98 5.29
C ALA A 321 -25.85 9.38 5.83
N PRO A 322 -26.87 8.54 5.64
CA PRO A 322 -28.16 8.77 6.29
C PRO A 322 -28.02 8.89 7.82
N SER A 323 -28.89 9.66 8.45
CA SER A 323 -28.80 9.95 9.89
C SER A 323 -28.96 8.72 10.79
N THR A 324 -29.61 7.70 10.24
CA THR A 324 -29.87 6.45 10.94
C THR A 324 -28.73 5.41 10.83
N MET A 325 -27.66 5.73 10.09
CA MET A 325 -26.67 4.73 9.71
C MET A 325 -25.63 4.50 10.82
N LYS A 326 -25.40 3.23 11.16
CA LYS A 326 -24.31 2.86 12.07
C LYS A 326 -23.00 2.81 11.26
N ILE A 327 -22.02 3.59 11.70
CA ILE A 327 -20.74 3.71 10.98
C ILE A 327 -19.62 3.33 11.93
N LYS A 328 -18.68 2.50 11.46
CA LYS A 328 -17.50 2.13 12.23
C LYS A 328 -16.27 2.12 11.33
N ILE A 329 -15.22 2.79 11.79
CA ILE A 329 -13.92 2.80 11.14
C ILE A 329 -12.95 1.97 11.98
N ILE A 330 -12.34 0.98 11.34
CA ILE A 330 -11.39 0.08 11.97
C ILE A 330 -10.03 0.41 11.37
N ALA A 331 -9.11 0.81 12.23
CA ALA A 331 -7.76 1.22 11.83
C ALA A 331 -6.76 0.38 12.62
N PRO A 332 -6.51 -0.84 12.16
CA PRO A 332 -5.59 -1.74 12.89
C PRO A 332 -4.18 -1.16 13.03
N PRO A 333 -3.57 -1.30 14.21
CA PRO A 333 -2.19 -0.84 14.38
C PRO A 333 -1.21 -1.46 13.40
N GLU A 334 -1.51 -2.66 12.92
CA GLU A 334 -0.65 -3.43 12.02
C GLU A 334 -0.86 -3.06 10.57
N ARG A 335 -1.57 -1.97 10.28
CA ARG A 335 -2.04 -1.75 8.91
C ARG A 335 -0.97 -1.41 7.85
N LYS A 336 0.27 -1.12 8.27
CA LYS A 336 1.39 -1.04 7.31
C LYS A 336 1.70 -2.41 6.71
N TYR A 337 1.32 -3.47 7.41
CA TYR A 337 1.64 -4.84 7.01
C TYR A 337 0.43 -5.75 6.97
N SER A 338 -0.79 -5.19 7.03
CA SER A 338 -1.99 -6.02 7.08
C SER A 338 -2.27 -6.79 5.77
N VAL A 339 -1.89 -6.25 4.62
CA VAL A 339 -2.01 -7.03 3.39
C VAL A 339 -1.18 -8.30 3.52
N TRP A 340 0.06 -8.13 3.96
CA TRP A 340 0.94 -9.25 4.16
C TRP A 340 0.35 -10.25 5.19
N ILE A 341 -0.14 -9.75 6.33
CA ILE A 341 -0.70 -10.60 7.36
C ILE A 341 -1.87 -11.39 6.80
N GLY A 342 -2.74 -10.72 6.05
CA GLY A 342 -3.85 -11.39 5.38
C GLY A 342 -3.41 -12.53 4.49
N GLY A 343 -2.33 -12.32 3.75
CA GLY A 343 -1.76 -13.36 2.92
C GLY A 343 -1.24 -14.53 3.73
N SER A 344 -0.61 -14.22 4.85
CA SER A 344 -0.05 -15.25 5.74
C SER A 344 -1.14 -16.14 6.33
N ILE A 345 -2.19 -15.54 6.85
CA ILE A 345 -3.28 -16.32 7.43
C ILE A 345 -4.08 -17.06 6.36
N LEU A 346 -4.21 -16.49 5.16
CA LEU A 346 -4.92 -17.18 4.09
C LEU A 346 -4.13 -18.42 3.64
N ALA A 347 -2.84 -18.25 3.40
CA ALA A 347 -1.98 -19.32 2.90
C ALA A 347 -1.87 -20.47 3.89
N SER A 348 -2.05 -20.17 5.18
CA SER A 348 -1.97 -21.16 6.27
C SER A 348 -3.29 -21.87 6.53
N LEU A 349 -4.38 -21.37 5.96
CA LEU A 349 -5.72 -21.82 6.30
C LEU A 349 -6.05 -23.14 5.64
N SER A 350 -6.64 -24.08 6.39
CA SER A 350 -6.88 -25.43 5.89
C SER A 350 -7.73 -25.42 4.60
N THR A 351 -8.75 -24.57 4.58
CA THR A 351 -9.70 -24.53 3.47
C THR A 351 -9.11 -23.85 2.23
N PHE A 352 -7.97 -23.18 2.38
CA PHE A 352 -7.29 -22.56 1.24
C PHE A 352 -6.44 -23.55 0.45
N GLN A 353 -6.08 -24.69 1.04
CA GLN A 353 -5.06 -25.53 0.42
C GLN A 353 -5.47 -26.09 -0.95
N GLN A 354 -6.76 -26.37 -1.11
CA GLN A 354 -7.31 -26.81 -2.40
C GLN A 354 -7.33 -25.71 -3.47
N MET A 355 -7.14 -24.46 -3.06
CA MET A 355 -7.20 -23.30 -3.96
C MET A 355 -5.88 -22.94 -4.65
N TRP A 356 -4.75 -23.39 -4.12
CA TRP A 356 -3.47 -23.17 -4.77
C TRP A 356 -3.54 -23.67 -6.22
N ILE A 357 -2.93 -22.93 -7.14
CA ILE A 357 -2.64 -23.44 -8.47
C ILE A 357 -1.38 -24.32 -8.33
N THR A 358 -1.47 -25.60 -8.68
CA THR A 358 -0.31 -26.49 -8.63
C THR A 358 0.49 -26.43 -9.93
N LYS A 359 1.74 -26.85 -9.86
CA LYS A 359 2.62 -26.92 -11.03
C LYS A 359 1.99 -27.76 -12.15
N GLN A 360 1.35 -28.85 -11.79
CA GLN A 360 0.69 -29.72 -12.76
C GLN A 360 -0.47 -29.00 -13.43
N GLU A 361 -1.26 -28.28 -12.63
CA GLU A 361 -2.40 -27.52 -13.15
C GLU A 361 -1.92 -26.46 -14.14
N TYR A 362 -0.81 -25.80 -13.82
CA TYR A 362 -0.21 -24.83 -14.75
C TYR A 362 0.27 -25.49 -16.04
N ASP A 363 0.98 -26.60 -15.93
CA ASP A 363 1.53 -27.26 -17.10
C ASP A 363 0.42 -27.68 -18.08
N GLU A 364 -0.75 -27.97 -17.54
CA GLU A 364 -1.88 -28.51 -18.30
C GLU A 364 -2.94 -27.46 -18.68
N ALA A 365 -2.71 -26.20 -18.33
CA ALA A 365 -3.63 -25.11 -18.68
C ALA A 365 -2.91 -23.85 -19.19
N GLY A 366 -1.70 -23.59 -18.68
CA GLY A 366 -0.98 -22.39 -19.01
C GLY A 366 -1.39 -21.25 -18.11
N PRO A 367 -0.84 -20.06 -18.33
CA PRO A 367 -1.10 -18.95 -17.44
C PRO A 367 -2.56 -18.52 -17.27
N SER A 368 -3.45 -18.77 -18.24
CA SER A 368 -4.84 -18.30 -18.05
C SER A 368 -5.62 -19.14 -17.02
N ILE A 369 -5.01 -20.17 -16.46
CA ILE A 369 -5.62 -20.85 -15.30
C ILE A 369 -5.83 -19.89 -14.13
N VAL A 370 -5.07 -18.79 -14.09
CA VAL A 370 -5.23 -17.81 -13.01
C VAL A 370 -6.63 -17.18 -12.94
N HIS A 371 -7.33 -17.10 -14.07
CA HIS A 371 -8.68 -16.54 -14.10
C HIS A 371 -9.72 -17.44 -13.44
N ARG A 372 -9.50 -18.75 -13.52
CA ARG A 372 -10.42 -19.74 -12.97
C ARG A 372 -10.17 -19.95 -11.48
N LYS A 373 -8.91 -20.10 -11.11
CA LYS A 373 -8.54 -20.46 -9.75
C LYS A 373 -8.39 -19.25 -8.85
N CYS A 374 -8.01 -18.10 -9.41
CA CYS A 374 -7.90 -16.85 -8.67
C CYS A 374 -8.92 -15.83 -9.17
N PHE A 375 -10.18 -16.23 -9.23
CA CA B . 0.31 -1.93 -1.27
CA CA C . -11.65 19.46 -4.38
PG ATP D . 1.03 1.04 -3.00
O1G ATP D . 1.32 0.36 -4.26
O2G ATP D . 0.57 2.49 -3.22
O3G ATP D . 0.09 0.24 -2.12
PB ATP D . 3.09 0.28 -1.08
O1B ATP D . 4.55 0.30 -1.30
O2B ATP D . 2.43 -1.12 -0.95
O3B ATP D . 2.44 1.19 -2.25
PA ATP D . 2.75 0.81 1.76
O1A ATP D . 1.40 0.39 2.17
O2A ATP D . 3.85 -0.21 2.05
O3A ATP D . 2.75 1.19 0.21
O5' ATP D . 3.06 2.23 2.46
C5' ATP D . 4.19 3.01 2.16
C4' ATP D . 3.79 4.47 2.30
O4' ATP D . 3.34 4.67 3.63
C3' ATP D . 4.96 5.43 2.09
O3' ATP D . 4.53 6.56 1.35
C2' ATP D . 5.36 5.79 3.49
O2' ATP D . 6.02 7.03 3.60
C1' ATP D . 4.01 5.78 4.18
N9 ATP D . 4.08 5.61 5.62
C8 ATP D . 4.65 4.59 6.34
N7 ATP D . 4.47 4.83 7.65
C5 ATP D . 3.77 5.98 7.78
C6 ATP D . 3.32 6.68 8.89
N6 ATP D . 3.62 6.29 10.13
N1 ATP D . 2.62 7.84 8.66
C2 ATP D . 2.38 8.31 7.38
N3 ATP D . 2.84 7.61 6.29
C4 ATP D . 3.52 6.47 6.50
O1 RGA E . -8.69 -15.54 11.58
C1 RGA E . -8.86 -14.42 11.15
O25 RGA E . -9.96 -14.08 10.38
C2 RGA E . -7.92 -13.25 11.32
C3 RGA E . -6.75 -13.47 11.96
C4 RGA E . -5.76 -12.32 12.13
C5 RGA E . -4.54 -12.42 12.69
C38 RGA E . -3.98 -13.76 13.32
C6 RGA E . -3.79 -11.11 12.68
C7 RGA E . -3.67 -10.51 14.08
O7 RGA E . -2.60 -11.35 14.73
C48 RGA E . -2.59 -11.17 16.24
C8 RGA E . -3.24 -9.06 13.97
C9 RGA E . -4.30 -8.18 13.39
C39 RGA E . -4.10 -7.56 12.22
C40 RGA E . -5.14 -6.69 11.60
O40 RGA E . -4.99 -6.15 10.55
C10 RGA E . -5.60 -8.02 14.12
C11 RGA E . -6.39 -6.77 13.72
O11 RGA E . -6.34 -6.50 12.27
C12 RGA E . -7.87 -6.81 14.01
C41 RGA E . -8.48 -5.40 13.88
C13 RGA E . -8.33 -7.28 15.38
O13 RGA E . -7.71 -6.67 16.49
C49 RGA E . -7.44 -6.92 17.87
C14 RGA E . -9.78 -7.54 15.77
C15 RGA E . -10.44 -8.74 15.01
O15 RGA E . -11.83 -8.43 15.26
C50 RGA E . -12.83 -9.31 14.66
C16 RGA E . -9.97 -10.00 15.83
C17 RGA E . -9.26 -10.87 15.08
C18 RGA E . -8.76 -12.15 15.74
C42 RGA E . -7.26 -12.22 15.66
C19 RGA E . -9.42 -13.44 15.16
O19 RGA E . -8.93 -14.57 15.90
C51 RGA E . -8.32 -15.62 15.15
C20 RGA E . -10.93 -13.38 15.38
C21 RGA E . -11.81 -14.40 14.69
O21 RGA E . -13.08 -14.46 15.32
C52 RGA E . -14.01 -15.54 15.33
C22 RGA E . -12.01 -14.24 13.21
C23 RGA E . -11.88 -15.13 12.23
C24 RGA E . -12.15 -14.92 10.75
C43 RGA E . -13.14 -16.04 10.45
C25 RGA E . -10.80 -15.18 10.05
C26 RGA E . -11.01 -15.09 8.48
C44 RGA E . -11.44 -13.68 8.00
C27 RGA E . -9.68 -15.42 7.78
O27 RGA E . -9.38 -16.80 8.12
C53 RGA E . -8.03 -17.06 8.49
C28 RGA E . -9.77 -15.41 6.22
C45 RGA E . -8.38 -15.76 5.62
C29 RGA E . -10.83 -16.29 5.56
C30 RGA E . -10.89 -16.12 4.02
C31 RGA E . -12.14 -16.89 3.48
O31 RGA E . -12.97 -17.50 4.10
C32 RGA E . -12.11 -16.72 1.97
C46 RGA E . -13.55 -16.17 1.56
C33 RGA E . -11.93 -18.15 1.36
O33 RGA E . -10.63 -18.48 1.86
C54 RGA E . -10.42 -19.88 1.82
C34 RGA E . -11.88 -18.07 -0.21
C35 RGA E . -10.84 -17.08 -0.80
C36 RGA E . -11.39 -16.05 -1.46
N36 RGA E . -10.47 -15.08 -2.03
C47 RGA E . -9.01 -15.19 -1.99
C37 RGA E . -11.07 -13.92 -2.61
O37 RGA E . -10.45 -12.99 -3.06
C1 EDO F . -12.35 18.44 3.94
O1 EDO F . -12.92 17.19 4.30
C2 EDO F . -12.72 18.77 2.47
O2 EDO F . -12.29 20.12 2.17
C1 EDO G . -8.52 -12.51 -5.76
O1 EDO G . -8.22 -12.13 -4.41
C2 EDO G . -8.02 -13.96 -5.98
O2 EDO G . -9.00 -14.83 -5.39
C1 EDO H . -13.18 4.91 15.13
O1 EDO H . -13.29 6.33 15.17
C2 EDO H . -14.54 4.30 15.52
O2 EDO H . -15.43 4.30 14.39
C1 EDO I . -19.54 12.69 -2.70
O1 EDO I . -20.69 12.15 -3.33
C2 EDO I . -18.84 13.69 -3.64
O2 EDO I . -18.17 13.00 -4.71
C1 EDO J . -14.48 21.10 -3.30
O1 EDO J . -13.77 19.88 -3.15
C2 EDO J . -13.59 22.22 -3.86
O2 EDO J . -12.18 21.96 -3.63
#